data_4UUJ
#
_entry.id   4UUJ
#
_cell.length_a   154.615
_cell.length_b   154.615
_cell.length_c   75.953
_cell.angle_alpha   90.00
_cell.angle_beta   90.00
_cell.angle_gamma   90.00
#
_symmetry.space_group_name_H-M   'I 4'
#
loop_
_entity.id
_entity.type
_entity.pdbx_description
1 polymer 'ANTIBODY FAB FRAGMENT LIGHT CHAIN'
2 polymer 'ANTIBODY FAB FRAGMENT HEAVY CHAIN'
3 polymer 'VOLTAGE-GATED POTASSIUM CHANNEL KCSA'
4 non-polymer NONAN-1-OL
5 non-polymer INDOLE
6 non-polymer 'POTASSIUM ION'
7 non-polymer 'DIACYL GLYCEROL'
8 non-polymer 'COBALT (II) ION'
9 non-polymer 'TETRAHEXYL AMMONNIUM'
10 non-polymer 'PHOSPHATE ION'
11 water water
#
loop_
_entity_poly.entity_id
_entity_poly.type
_entity_poly.pdbx_seq_one_letter_code
_entity_poly.pdbx_strand_id
1 'polypeptide(L)'
;QVQLQQPGAELVKPGASVKLSCKASGYTFTSDWIHWVKQRPGHGLEWIGEIIPSYGRANYNEKIQKKATLTADKSSSTAF
MQLSSLTSEDSAVYYCARERGDGYFAVWGAGTTVTVSSAKTTPPSVYPLAPGSAAQTNSMVTLGCLVKGYFPEPVTVTWN
SGSLSSGVHTFPAVLQSDLYTLSSSVTVPSSSWPSETVTCNVAHPASSTKVDKKIVPRD
;
A
2 'polypeptide(L)'
;DILLTQSPAILSVSPGERVSFSCRASQSIGTDIHWYQQRTNGSPRLLIKYASESISGIPSRFSGSGSGTDFTLSINSVES
EDIANYYCQQSNRWPFTFGSGTKLEIKRADAAPTVSIFPPSSEQLTSGGASVVCFLNNFYPKDINVKWKIDGSERQNGVL
NSWTDQDSKDSTYSMSSTLTLTKDEYERHNSYTCEATHKTSTSPIVKSFNRN
;
B
3 'polypeptide(L)'
;AAVALLLGSALHWRAAGAATVLLVIVLLAGSYLAVLAERGAPGAQLITYPRALWWSVETATTVGYGDLYPVTLWGRCVAV
VVMVAGITSFGLVTAALATWFVGREQERRGH
;
C
#
loop_
_chem_comp.id
_chem_comp.type
_chem_comp.name
_chem_comp.formula
CO non-polymer 'COBALT (II) ION' 'Co 2'
DGA non-polymer 'DIACYL GLYCEROL' 'C39 H76 O5'
F09 non-polymer NONAN-1-OL 'C9 H20 O'
IND non-polymer INDOLE 'C8 H7 N'
K non-polymer 'POTASSIUM ION' 'K 1'
PO4 non-polymer 'PHOSPHATE ION' 'O4 P -3'
XA7 non-polymer 'TETRAHEXYL AMMONNIUM' 'C24 H52 N 1'
#
# COMPACT_ATOMS: atom_id res chain seq x y z
N GLN A 1 -4.67 -16.58 2.91
CA GLN A 1 -3.21 -16.56 2.57
C GLN A 1 -2.79 -15.27 1.83
N VAL A 2 -1.48 -14.99 1.73
CA VAL A 2 -1.00 -13.78 1.05
C VAL A 2 -1.23 -13.84 -0.47
N GLN A 3 -2.17 -13.01 -0.88
CA GLN A 3 -2.74 -13.07 -2.18
C GLN A 3 -1.71 -12.64 -3.24
N LEU A 4 -0.83 -11.66 -2.93
CA LEU A 4 0.13 -11.07 -3.92
C LEU A 4 1.56 -10.98 -3.39
N GLN A 5 2.53 -11.51 -4.14
CA GLN A 5 3.88 -11.73 -3.59
C GLN A 5 4.89 -10.98 -4.38
N GLN A 6 5.51 -9.99 -3.75
CA GLN A 6 6.55 -9.25 -4.45
C GLN A 6 7.82 -9.27 -3.64
N PRO A 7 8.97 -9.32 -4.34
CA PRO A 7 10.27 -9.09 -3.74
C PRO A 7 10.31 -7.84 -2.91
N GLY A 8 11.03 -7.90 -1.80
CA GLY A 8 11.30 -6.75 -0.97
C GLY A 8 12.14 -5.70 -1.66
N ALA A 9 13.02 -6.10 -2.58
CA ALA A 9 14.02 -5.13 -3.02
C ALA A 9 14.72 -5.41 -4.30
N GLU A 10 15.13 -4.34 -4.98
CA GLU A 10 15.95 -4.43 -6.17
C GLU A 10 16.81 -3.18 -6.28
N LEU A 11 18.11 -3.37 -6.52
CA LEU A 11 19.07 -2.30 -6.76
C LEU A 11 19.29 -2.26 -8.27
N VAL A 12 19.42 -1.07 -8.84
CA VAL A 12 19.64 -0.92 -10.28
C VAL A 12 20.58 0.24 -10.52
N LYS A 13 21.38 0.16 -11.59
CA LYS A 13 22.34 1.22 -11.88
C LYS A 13 21.71 2.21 -12.86
N PRO A 14 22.13 3.47 -12.80
CA PRO A 14 21.58 4.46 -13.75
C PRO A 14 21.69 3.95 -15.16
N GLY A 15 20.64 4.10 -15.96
CA GLY A 15 20.60 3.54 -17.33
C GLY A 15 20.28 2.05 -17.42
N ALA A 16 20.46 1.32 -16.31
CA ALA A 16 20.09 -0.09 -16.30
C ALA A 16 18.55 -0.25 -16.20
N SER A 17 18.12 -1.50 -16.07
CA SER A 17 16.76 -1.89 -16.32
C SER A 17 16.40 -3.11 -15.44
N VAL A 18 15.19 -3.14 -14.88
CA VAL A 18 14.81 -4.20 -13.96
C VAL A 18 13.42 -4.76 -14.27
N LYS A 19 13.18 -6.00 -13.83
CA LYS A 19 11.95 -6.71 -14.09
C LYS A 19 11.36 -7.05 -12.72
N LEU A 20 10.28 -6.38 -12.33
CA LEU A 20 9.65 -6.74 -11.07
C LEU A 20 8.58 -7.80 -11.29
N SER A 21 8.31 -8.56 -10.25
CA SER A 21 7.43 -9.68 -10.38
C SER A 21 6.35 -9.46 -9.35
N CYS A 22 5.18 -9.97 -9.67
CA CYS A 22 4.02 -9.92 -8.78
C CYS A 22 3.30 -11.23 -9.01
N LYS A 23 3.34 -12.17 -8.04
CA LYS A 23 2.68 -13.49 -8.14
C LYS A 23 1.43 -13.56 -7.31
N ALA A 24 0.42 -14.25 -7.83
CA ALA A 24 -0.92 -14.22 -7.26
C ALA A 24 -1.43 -15.59 -6.85
N SER A 25 -2.27 -15.61 -5.82
CA SER A 25 -2.86 -16.83 -5.25
C SER A 25 -4.32 -16.52 -4.98
N GLY A 26 -5.04 -17.43 -4.36
CA GLY A 26 -6.45 -17.19 -4.11
C GLY A 26 -7.23 -17.23 -5.42
N TYR A 27 -8.50 -16.84 -5.34
CA TYR A 27 -9.41 -16.88 -6.49
C TYR A 27 -8.81 -16.10 -7.70
N THR A 28 -8.41 -16.78 -8.77
CA THR A 28 -8.01 -16.06 -10.00
C THR A 28 -9.14 -16.14 -11.01
N PHE A 29 -9.54 -14.99 -11.57
CA PHE A 29 -10.47 -14.95 -12.69
C PHE A 29 -9.70 -14.43 -13.92
N THR A 30 -10.22 -14.79 -15.09
CA THR A 30 -9.66 -14.36 -16.36
C THR A 30 -10.07 -12.91 -16.62
N SER A 31 -11.10 -12.47 -15.91
CA SER A 31 -11.52 -11.09 -15.91
C SER A 31 -10.74 -10.20 -14.91
N ASP A 32 -9.64 -10.68 -14.31
CA ASP A 32 -8.91 -9.91 -13.26
C ASP A 32 -7.87 -9.00 -13.87
N TRP A 33 -7.68 -7.82 -13.29
CA TRP A 33 -6.60 -6.91 -13.71
C TRP A 33 -5.60 -6.75 -12.61
N ILE A 34 -4.33 -6.71 -13.01
CA ILE A 34 -3.23 -6.38 -12.13
C ILE A 34 -2.74 -4.99 -12.48
N HIS A 35 -2.59 -4.20 -11.42
CA HIS A 35 -2.18 -2.83 -11.51
C HIS A 35 -0.83 -2.65 -10.83
N TRP A 36 -0.10 -1.64 -11.25
CA TRP A 36 1.13 -1.25 -10.59
C TRP A 36 1.05 0.17 -10.17
N VAL A 37 1.54 0.46 -8.97
CA VAL A 37 1.43 1.76 -8.33
C VAL A 37 2.75 2.22 -7.69
N LYS A 38 3.20 3.43 -8.03
CA LYS A 38 4.49 3.91 -7.55
C LYS A 38 4.35 4.90 -6.44
N GLN A 39 5.19 4.73 -5.43
CA GLN A 39 5.20 5.63 -4.30
C GLN A 39 6.66 6.00 -3.95
N ARG A 40 7.11 7.18 -4.39
CA ARG A 40 8.40 7.75 -4.01
C ARG A 40 8.34 8.10 -2.54
N PRO A 41 9.51 8.18 -1.89
CA PRO A 41 9.42 8.20 -0.42
C PRO A 41 8.84 9.51 0.06
N GLY A 42 7.96 9.44 1.05
CA GLY A 42 7.26 10.62 1.55
C GLY A 42 6.42 11.33 0.49
N HIS A 43 5.89 10.55 -0.46
CA HIS A 43 5.03 11.07 -1.52
C HIS A 43 3.80 10.17 -1.55
N GLY A 44 2.90 10.43 -2.50
CA GLY A 44 1.68 9.67 -2.63
C GLY A 44 1.76 8.53 -3.61
N LEU A 45 0.58 8.02 -3.93
CA LEU A 45 0.46 6.90 -4.80
C LEU A 45 0.23 7.42 -6.19
N GLU A 46 0.86 6.76 -7.15
CA GLU A 46 0.80 7.16 -8.50
C GLU A 46 0.52 5.95 -9.39
N TRP A 47 -0.66 5.92 -10.00
CA TRP A 47 -0.98 4.85 -10.91
C TRP A 47 -0.03 4.81 -12.09
N ILE A 48 0.54 3.64 -12.39
CA ILE A 48 1.44 3.51 -13.53
C ILE A 48 0.83 2.82 -14.70
N GLY A 49 0.11 1.74 -14.44
CA GLY A 49 -0.47 0.98 -15.56
C GLY A 49 -1.21 -0.22 -15.04
N GLU A 50 -1.80 -0.96 -15.97
CA GLU A 50 -2.58 -2.13 -15.65
C GLU A 50 -2.40 -3.12 -16.81
N ILE A 51 -2.64 -4.38 -16.52
CA ILE A 51 -2.69 -5.44 -17.50
C ILE A 51 -3.79 -6.41 -17.08
N ILE A 52 -4.34 -7.09 -18.07
CA ILE A 52 -5.29 -8.15 -17.82
C ILE A 52 -4.58 -9.40 -18.31
N PRO A 53 -4.26 -10.32 -17.39
CA PRO A 53 -3.37 -11.42 -17.80
C PRO A 53 -3.96 -12.34 -18.86
N SER A 54 -5.21 -12.76 -18.65
CA SER A 54 -5.90 -13.67 -19.57
C SER A 54 -6.11 -13.06 -20.97
N TYR A 55 -5.03 -12.55 -21.53
CA TYR A 55 -5.07 -11.82 -22.78
C TYR A 55 -3.65 -11.33 -23.00
N GLY A 56 -3.23 -10.36 -22.17
CA GLY A 56 -1.95 -9.66 -22.34
C GLY A 56 -2.08 -8.20 -22.77
N ARG A 57 -3.30 -7.63 -22.76
CA ARG A 57 -3.54 -6.20 -23.06
C ARG A 57 -3.19 -5.40 -21.82
N ALA A 58 -2.43 -4.33 -22.03
CA ALA A 58 -1.92 -3.50 -20.97
C ALA A 58 -2.07 -2.04 -21.34
N ASN A 59 -2.39 -1.20 -20.33
CA ASN A 59 -2.46 0.24 -20.50
C ASN A 59 -1.64 0.98 -19.45
N TYR A 60 -1.18 2.16 -19.83
CA TYR A 60 -0.20 2.87 -19.04
C TYR A 60 -0.71 4.27 -18.77
N ASN A 61 -0.31 4.83 -17.63
CA ASN A 61 -0.47 6.25 -17.39
C ASN A 61 0.23 7.09 -18.46
N GLU A 62 -0.54 7.83 -19.23
CA GLU A 62 0.00 8.74 -20.26
C GLU A 62 0.54 10.07 -19.73
N LYS A 63 0.22 10.39 -18.47
CA LYS A 63 0.59 11.67 -17.86
C LYS A 63 2.04 11.67 -17.37
N ILE A 64 2.74 10.52 -17.43
CA ILE A 64 4.13 10.42 -17.00
C ILE A 64 5.00 9.79 -18.08
N GLN A 65 6.30 10.07 -17.98
CA GLN A 65 7.33 9.43 -18.78
C GLN A 65 7.12 7.93 -18.64
N LYS A 66 7.07 7.23 -19.77
CA LYS A 66 6.78 5.80 -19.78
C LYS A 66 7.99 4.87 -19.50
N LYS A 67 8.27 4.57 -18.24
CA LYS A 67 9.35 3.62 -17.89
C LYS A 67 8.95 2.13 -17.96
N ALA A 68 7.65 1.86 -18.10
CA ALA A 68 7.15 0.54 -17.80
C ALA A 68 6.71 -0.19 -19.04
N THR A 69 6.81 -1.51 -18.95
CA THR A 69 6.26 -2.39 -19.93
C THR A 69 5.71 -3.59 -19.17
N LEU A 70 4.41 -3.86 -19.31
CA LEU A 70 3.80 -4.92 -18.53
C LEU A 70 3.56 -6.20 -19.34
N THR A 71 3.62 -7.31 -18.63
CA THR A 71 3.50 -8.62 -19.24
C THR A 71 3.05 -9.54 -18.15
N ALA A 72 2.71 -10.77 -18.54
CA ALA A 72 2.30 -11.80 -17.61
C ALA A 72 2.65 -13.19 -18.13
N ASP A 73 2.94 -14.09 -17.20
CA ASP A 73 2.93 -15.52 -17.49
C ASP A 73 1.66 -16.10 -16.86
N LYS A 74 0.67 -16.36 -17.72
CA LYS A 74 -0.63 -16.89 -17.28
C LYS A 74 -0.48 -18.27 -16.64
N SER A 75 0.55 -19.00 -17.05
CA SER A 75 0.85 -20.30 -16.43
C SER A 75 1.21 -20.17 -14.93
N SER A 76 2.23 -19.37 -14.60
CA SER A 76 2.66 -19.23 -13.20
C SER A 76 1.93 -18.13 -12.40
N SER A 77 0.80 -17.63 -12.91
CA SER A 77 0.06 -16.54 -12.24
C SER A 77 0.94 -15.32 -11.85
N THR A 78 1.95 -15.02 -12.65
CA THR A 78 2.86 -13.92 -12.34
C THR A 78 2.72 -12.77 -13.35
N ALA A 79 2.78 -11.53 -12.84
CA ALA A 79 2.78 -10.35 -13.65
C ALA A 79 4.12 -9.72 -13.45
N PHE A 80 4.57 -9.03 -14.49
CA PHE A 80 5.88 -8.44 -14.52
C PHE A 80 5.78 -7.02 -15.02
N MET A 81 6.57 -6.15 -14.40
CA MET A 81 6.77 -4.82 -14.88
C MET A 81 8.25 -4.61 -15.23
N GLN A 82 8.50 -4.36 -16.50
CA GLN A 82 9.82 -4.03 -16.94
C GLN A 82 10.04 -2.52 -16.79
N LEU A 83 10.81 -2.14 -15.77
CA LEU A 83 11.25 -0.74 -15.65
C LEU A 83 12.60 -0.58 -16.31
N SER A 84 12.68 0.29 -17.31
CA SER A 84 13.86 0.37 -18.15
C SER A 84 14.49 1.75 -18.12
N SER A 85 15.82 1.84 -18.18
CA SER A 85 16.59 3.11 -18.24
C SER A 85 16.29 4.09 -17.11
N LEU A 86 16.50 3.61 -15.90
CA LEU A 86 16.05 4.34 -14.72
C LEU A 86 17.01 5.43 -14.32
N THR A 87 16.52 6.38 -13.54
CA THR A 87 17.36 7.42 -12.95
C THR A 87 16.99 7.42 -11.48
N SER A 88 17.53 8.37 -10.71
CA SER A 88 17.21 8.40 -9.28
C SER A 88 15.74 8.81 -9.08
N GLU A 89 15.17 9.52 -10.04
CA GLU A 89 13.73 9.83 -10.05
C GLU A 89 12.96 8.54 -9.82
N ASP A 90 13.36 7.51 -10.55
CA ASP A 90 12.65 6.25 -10.54
C ASP A 90 12.82 5.41 -9.27
N SER A 91 13.53 5.89 -8.26
CA SER A 91 13.65 5.11 -7.02
C SER A 91 12.36 5.23 -6.20
N ALA A 92 11.80 4.09 -5.83
CA ALA A 92 10.51 4.06 -5.14
C ALA A 92 10.04 2.66 -4.80
N VAL A 93 9.09 2.59 -3.88
CA VAL A 93 8.34 1.38 -3.64
C VAL A 93 7.33 1.28 -4.75
N TYR A 94 7.30 0.14 -5.44
CA TYR A 94 6.28 -0.17 -6.41
C TYR A 94 5.42 -1.31 -5.91
N TYR A 95 4.13 -1.03 -5.73
CA TYR A 95 3.18 -2.05 -5.39
C TYR A 95 2.57 -2.58 -6.65
N CYS A 96 2.06 -3.80 -6.53
CA CYS A 96 1.12 -4.33 -7.46
C CYS A 96 -0.15 -4.52 -6.67
N ALA A 97 -1.29 -4.41 -7.36
CA ALA A 97 -2.56 -4.75 -6.76
C ALA A 97 -3.46 -5.34 -7.80
N ARG A 98 -4.56 -5.90 -7.31
CA ARG A 98 -5.43 -6.71 -8.11
C ARG A 98 -6.78 -6.10 -8.02
N GLU A 99 -7.46 -5.97 -9.14
CA GLU A 99 -8.77 -5.32 -9.21
C GLU A 99 -9.59 -6.25 -10.01
N ARG A 100 -10.78 -6.54 -9.51
CA ARG A 100 -11.60 -7.56 -10.15
C ARG A 100 -12.36 -6.99 -11.35
N GLY A 101 -11.95 -5.86 -11.91
CA GLY A 101 -12.67 -5.23 -13.00
C GLY A 101 -13.87 -4.41 -12.55
N ASP A 102 -13.92 -4.12 -11.27
CA ASP A 102 -14.98 -3.33 -10.76
C ASP A 102 -14.41 -2.12 -10.06
N GLY A 103 -13.17 -1.78 -10.38
CA GLY A 103 -12.61 -0.47 -10.10
C GLY A 103 -11.91 -0.19 -8.81
N TYR A 104 -11.83 -1.11 -7.88
CA TYR A 104 -11.10 -0.82 -6.66
C TYR A 104 -10.06 -1.90 -6.41
N PHE A 105 -9.15 -1.59 -5.52
CA PHE A 105 -8.01 -2.42 -5.25
C PHE A 105 -8.19 -3.11 -3.91
N ALA A 106 -8.93 -4.21 -3.97
CA ALA A 106 -9.22 -5.07 -2.80
C ALA A 106 -7.92 -5.49 -2.09
N VAL A 107 -6.91 -5.81 -2.87
CA VAL A 107 -5.76 -6.49 -2.41
C VAL A 107 -4.50 -5.98 -3.10
N TRP A 108 -3.45 -5.81 -2.30
CA TRP A 108 -2.17 -5.20 -2.71
C TRP A 108 -0.98 -6.06 -2.30
N GLY A 109 0.09 -6.03 -3.08
CA GLY A 109 1.33 -6.57 -2.58
C GLY A 109 2.00 -5.71 -1.50
N ALA A 110 3.15 -6.16 -1.03
CA ALA A 110 3.87 -5.48 0.05
C ALA A 110 4.84 -4.54 -0.57
N GLY A 111 5.08 -4.76 -1.84
CA GLY A 111 5.82 -3.82 -2.62
C GLY A 111 7.30 -4.07 -2.56
N THR A 112 7.94 -3.60 -3.62
CA THR A 112 9.32 -3.76 -3.88
C THR A 112 10.01 -2.42 -3.79
N THR A 113 10.90 -2.29 -2.81
CA THR A 113 11.69 -1.10 -2.75
C THR A 113 12.77 -1.17 -3.82
N VAL A 114 12.68 -0.28 -4.80
CA VAL A 114 13.64 -0.19 -5.90
C VAL A 114 14.53 1.02 -5.69
N THR A 115 15.82 0.75 -5.59
CA THR A 115 16.82 1.79 -5.37
C THR A 115 17.73 1.89 -6.62
N VAL A 116 17.83 3.10 -7.16
CA VAL A 116 18.68 3.37 -8.33
C VAL A 116 19.95 4.12 -7.90
N SER A 117 21.05 3.37 -7.81
CA SER A 117 22.32 3.84 -7.23
C SER A 117 23.50 3.25 -7.99
N SER A 118 24.58 4.03 -8.07
CA SER A 118 25.88 3.52 -8.55
C SER A 118 26.48 2.55 -7.51
N ALA A 119 26.24 2.87 -6.23
CA ALA A 119 26.71 2.12 -5.05
C ALA A 119 26.43 0.60 -5.02
N LYS A 120 26.91 -0.04 -3.96
CA LYS A 120 27.09 -1.49 -3.85
C LYS A 120 26.33 -2.07 -2.67
N THR A 121 25.76 -3.25 -2.88
CA THR A 121 25.07 -3.93 -1.80
C THR A 121 26.02 -4.24 -0.65
N THR A 122 25.52 -4.08 0.56
CA THR A 122 26.29 -4.36 1.75
C THR A 122 25.32 -4.96 2.74
N PRO A 123 25.56 -6.20 3.19
CA PRO A 123 24.71 -6.71 4.25
C PRO A 123 24.83 -5.83 5.49
N PRO A 124 23.90 -5.97 6.44
CA PRO A 124 23.96 -5.20 7.69
C PRO A 124 24.76 -5.85 8.83
N SER A 125 25.50 -5.05 9.59
CA SER A 125 26.04 -5.51 10.86
C SER A 125 24.98 -5.26 11.93
N VAL A 126 24.74 -6.27 12.76
CA VAL A 126 23.80 -6.16 13.88
C VAL A 126 24.56 -6.25 15.24
N TYR A 127 24.13 -5.51 16.24
CA TYR A 127 24.82 -5.47 17.53
C TYR A 127 23.81 -5.27 18.67
N PRO A 128 23.90 -6.06 19.75
CA PRO A 128 23.01 -5.78 20.85
C PRO A 128 23.13 -4.39 21.42
N LEU A 129 22.10 -4.06 22.18
CA LEU A 129 22.07 -2.93 23.08
C LEU A 129 21.31 -3.41 24.33
N ALA A 130 22.06 -4.00 25.27
CA ALA A 130 21.60 -4.27 26.63
C ALA A 130 22.13 -3.09 27.42
N PRO A 131 21.50 -2.79 28.56
CA PRO A 131 21.88 -1.62 29.33
C PRO A 131 23.12 -1.85 30.19
N GLY A 132 23.83 -0.78 30.53
CA GLY A 132 24.97 -0.84 31.46
C GLY A 132 24.52 -1.17 32.88
N SER A 133 25.43 -1.79 33.65
CA SER A 133 25.16 -2.24 35.05
C SER A 133 24.84 -1.08 36.00
N ALA A 134 25.26 0.13 35.63
CA ALA A 134 24.96 1.35 36.40
C ALA A 134 23.49 1.73 36.31
N ALA A 135 22.84 1.41 35.18
CA ALA A 135 21.46 1.82 34.91
C ALA A 135 20.44 1.08 35.79
N GLN A 136 19.63 1.81 36.55
CA GLN A 136 18.57 1.24 37.43
C GLN A 136 17.30 1.02 36.63
N THR A 137 16.29 0.37 37.20
CA THR A 137 15.10 0.02 36.40
C THR A 137 13.73 0.07 37.10
N ASN A 138 12.71 0.03 36.24
CA ASN A 138 11.31 0.28 36.56
C ASN A 138 10.57 -1.08 36.66
N SER A 139 9.26 -1.10 36.40
CA SER A 139 8.55 -2.34 36.14
C SER A 139 8.71 -2.79 34.68
N MET A 140 9.32 -1.95 33.82
CA MET A 140 9.64 -2.29 32.41
C MET A 140 11.12 -2.09 32.12
N VAL A 141 11.65 -2.82 31.13
CA VAL A 141 13.04 -2.67 30.70
C VAL A 141 13.11 -2.56 29.17
N THR A 142 14.03 -1.72 28.70
CA THR A 142 14.15 -1.42 27.29
C THR A 142 15.45 -1.97 26.77
N LEU A 143 15.34 -2.81 25.77
CA LEU A 143 16.49 -3.47 25.18
C LEU A 143 16.38 -2.97 23.78
N GLY A 144 17.31 -3.35 22.92
CA GLY A 144 17.26 -2.88 21.56
C GLY A 144 18.41 -3.48 20.79
N CYS A 145 18.41 -3.30 19.48
CA CYS A 145 19.51 -3.77 18.68
C CYS A 145 19.70 -2.85 17.46
N LEU A 146 20.94 -2.76 16.98
CA LEU A 146 21.39 -1.66 16.11
C LEU A 146 21.85 -2.16 14.76
N VAL A 147 21.07 -1.86 13.72
CA VAL A 147 21.37 -2.36 12.39
C VAL A 147 22.15 -1.31 11.63
N LYS A 148 23.39 -1.61 11.25
CA LYS A 148 24.22 -0.60 10.57
C LYS A 148 25.14 -1.05 9.44
N GLY A 149 25.59 -0.07 8.69
CA GLY A 149 26.44 -0.30 7.53
C GLY A 149 25.81 -1.08 6.40
N TYR A 150 24.52 -0.88 6.15
CA TYR A 150 23.84 -1.59 5.05
C TYR A 150 23.42 -0.72 3.87
N PHE A 151 23.28 -1.39 2.74
CA PHE A 151 22.74 -0.78 1.55
C PHE A 151 22.24 -1.91 0.64
N PRO A 152 21.19 -1.65 -0.18
CA PRO A 152 20.26 -0.54 -0.20
C PRO A 152 19.18 -0.83 0.82
N GLU A 153 18.23 0.08 0.93
CA GLU A 153 17.07 -0.16 1.76
C GLU A 153 16.24 -1.22 1.05
N PRO A 154 15.35 -1.90 1.81
CA PRO A 154 15.15 -1.77 3.26
C PRO A 154 15.72 -2.89 4.09
N VAL A 155 15.40 -2.81 5.38
CA VAL A 155 15.41 -3.95 6.24
C VAL A 155 14.14 -4.01 7.06
N THR A 156 13.75 -5.22 7.38
CA THR A 156 12.75 -5.45 8.37
C THR A 156 13.42 -6.01 9.63
N VAL A 157 12.81 -5.71 10.77
CA VAL A 157 13.34 -6.09 12.04
C VAL A 157 12.19 -6.62 12.86
N THR A 158 12.35 -7.84 13.40
CA THR A 158 11.35 -8.45 14.29
C THR A 158 11.93 -8.72 15.67
N TRP A 159 11.03 -9.02 16.59
CA TRP A 159 11.38 -9.34 17.97
C TRP A 159 10.71 -10.67 18.31
N ASN A 160 11.60 -11.65 18.49
CA ASN A 160 11.26 -13.08 18.59
C ASN A 160 10.37 -13.48 17.46
N SER A 161 10.85 -13.16 16.26
CA SER A 161 10.25 -13.56 15.00
C SER A 161 8.71 -13.47 15.01
N GLY A 162 8.19 -12.31 15.44
CA GLY A 162 6.76 -12.00 15.37
C GLY A 162 6.02 -11.93 16.70
N SER A 163 6.44 -12.76 17.67
CA SER A 163 5.69 -12.89 18.94
C SER A 163 5.70 -11.64 19.82
N LEU A 164 6.74 -10.82 19.67
CA LEU A 164 6.90 -9.59 20.44
C LEU A 164 6.64 -8.41 19.50
N SER A 165 5.54 -7.69 19.72
CA SER A 165 5.04 -6.66 18.79
C SER A 165 4.64 -5.43 19.58
N SER A 166 3.82 -5.59 20.63
CA SER A 166 3.62 -4.54 21.66
C SER A 166 4.97 -4.07 22.24
N GLY A 167 5.23 -2.76 22.17
CA GLY A 167 6.45 -2.16 22.76
C GLY A 167 7.66 -1.99 21.85
N VAL A 168 7.47 -2.10 20.54
CA VAL A 168 8.55 -2.07 19.56
C VAL A 168 8.59 -0.78 18.70
N HIS A 169 9.78 -0.17 18.57
CA HIS A 169 10.02 1.02 17.74
C HIS A 169 11.13 0.75 16.76
N THR A 170 10.91 0.76 15.48
CA THR A 170 12.07 0.77 14.60
C THR A 170 12.19 2.16 14.02
N PHE A 171 13.38 2.70 13.99
CA PHE A 171 13.56 4.07 13.59
C PHE A 171 13.91 4.13 12.12
N PRO A 172 13.70 5.29 11.50
CA PRO A 172 14.09 5.35 10.09
C PRO A 172 15.57 5.35 9.94
N ALA A 173 16.07 4.68 8.91
CA ALA A 173 17.50 4.68 8.61
C ALA A 173 17.94 6.10 8.35
N VAL A 174 19.24 6.35 8.53
CA VAL A 174 19.89 7.59 8.10
C VAL A 174 21.06 7.16 7.26
N LEU A 175 21.25 7.89 6.18
CA LEU A 175 22.23 7.53 5.20
C LEU A 175 23.43 8.43 5.38
N GLN A 176 24.62 7.85 5.40
CA GLN A 176 25.86 8.63 5.45
C GLN A 176 26.99 7.89 4.75
N SER A 177 27.57 8.56 3.77
CA SER A 177 28.60 7.96 2.94
C SER A 177 28.15 6.56 2.48
N ASP A 178 26.98 6.52 1.84
CA ASP A 178 26.46 5.34 1.11
C ASP A 178 26.21 4.07 1.96
N LEU A 179 25.96 4.23 3.24
CA LEU A 179 25.46 3.13 4.04
C LEU A 179 24.36 3.62 4.98
N TYR A 180 23.24 2.89 4.97
CA TYR A 180 22.12 3.21 5.84
C TYR A 180 22.41 2.62 7.17
N THR A 181 21.72 3.10 8.19
CA THR A 181 21.89 2.60 9.56
C THR A 181 20.67 2.90 10.38
N LEU A 182 20.28 1.97 11.23
CA LEU A 182 19.18 2.24 12.13
C LEU A 182 19.19 1.39 13.36
N SER A 183 18.26 1.66 14.25
CA SER A 183 18.10 0.90 15.48
C SER A 183 16.65 0.54 15.70
N SER A 184 16.41 -0.48 16.52
CA SER A 184 15.07 -0.85 16.90
C SER A 184 15.00 -1.09 18.39
N SER A 185 13.98 -0.51 19.03
CA SER A 185 13.76 -0.57 20.49
C SER A 185 12.71 -1.64 20.82
N VAL A 186 12.80 -2.21 22.01
CA VAL A 186 11.75 -3.07 22.57
C VAL A 186 11.73 -2.97 24.10
N THR A 187 10.54 -3.08 24.68
CA THR A 187 10.34 -2.81 26.06
C THR A 187 9.48 -3.87 26.72
N VAL A 188 10.09 -4.69 27.58
CA VAL A 188 9.36 -5.77 28.23
C VAL A 188 9.28 -5.47 29.70
N PRO A 189 8.50 -6.24 30.45
CA PRO A 189 8.61 -6.04 31.90
C PRO A 189 10.00 -6.49 32.31
N SER A 190 10.61 -5.82 33.30
CA SER A 190 11.98 -6.14 33.74
C SER A 190 12.06 -7.57 34.31
N SER A 191 10.97 -8.00 34.94
CA SER A 191 10.86 -9.34 35.51
C SER A 191 10.76 -10.47 34.47
N SER A 192 10.57 -10.14 33.20
CA SER A 192 10.61 -11.16 32.16
C SER A 192 12.00 -11.23 31.51
N TRP A 193 12.92 -10.34 31.88
CA TRP A 193 14.31 -10.40 31.33
C TRP A 193 15.36 -10.65 32.44
N PRO A 194 16.41 -11.46 32.13
CA PRO A 194 16.66 -12.24 30.90
C PRO A 194 16.22 -13.68 30.98
N SER A 195 15.47 -14.05 32.01
CA SER A 195 14.93 -15.42 32.13
C SER A 195 14.28 -15.82 30.82
N GLU A 196 13.26 -15.05 30.43
CA GLU A 196 12.59 -15.28 29.14
C GLU A 196 13.41 -14.59 28.07
N THR A 197 13.83 -15.38 27.10
CA THR A 197 14.74 -14.94 26.04
C THR A 197 14.15 -13.75 25.20
N VAL A 198 15.02 -12.92 24.62
CA VAL A 198 14.61 -11.76 23.79
C VAL A 198 15.61 -11.55 22.64
N THR A 199 15.09 -11.61 21.42
CA THR A 199 15.91 -11.72 20.23
C THR A 199 15.38 -10.87 19.05
N CYS A 200 16.28 -10.15 18.42
CA CYS A 200 15.96 -9.30 17.32
C CYS A 200 16.32 -10.05 16.03
N ASN A 201 15.31 -10.28 15.18
CA ASN A 201 15.55 -10.91 13.88
C ASN A 201 15.52 -9.83 12.81
N VAL A 202 16.41 -9.92 11.82
CA VAL A 202 16.66 -8.83 10.91
C VAL A 202 16.87 -9.30 9.49
N ALA A 203 15.93 -8.97 8.62
CA ALA A 203 15.98 -9.37 7.22
C ALA A 203 16.49 -8.23 6.32
N HIS A 204 17.43 -8.54 5.41
CA HIS A 204 17.86 -7.56 4.40
C HIS A 204 17.76 -8.18 3.00
N PRO A 205 16.60 -8.03 2.32
CA PRO A 205 16.32 -8.84 1.13
C PRO A 205 17.28 -8.59 -0.04
N ALA A 206 17.90 -7.43 -0.09
CA ALA A 206 18.79 -7.14 -1.22
C ALA A 206 20.07 -7.98 -1.23
N SER A 207 20.45 -8.51 -0.06
CA SER A 207 21.59 -9.45 0.07
C SER A 207 21.14 -10.81 0.57
N SER A 208 19.83 -10.96 0.70
CA SER A 208 19.20 -12.20 1.12
C SER A 208 19.66 -12.66 2.49
N THR A 209 19.98 -11.73 3.38
CA THR A 209 20.36 -12.13 4.71
C THR A 209 19.12 -12.31 5.54
N LYS A 210 19.33 -12.74 6.76
CA LYS A 210 18.32 -12.70 7.80
C LYS A 210 18.99 -13.25 9.03
N VAL A 211 19.44 -12.36 9.92
CA VAL A 211 20.20 -12.76 11.10
C VAL A 211 19.47 -12.49 12.41
N ASP A 212 19.43 -13.51 13.26
CA ASP A 212 18.96 -13.36 14.62
C ASP A 212 20.09 -12.79 15.46
N LYS A 213 19.74 -12.21 16.61
CA LYS A 213 20.72 -11.74 17.60
C LYS A 213 20.11 -11.66 18.99
N LYS A 214 20.57 -12.51 19.88
CA LYS A 214 19.99 -12.55 21.22
C LYS A 214 20.54 -11.37 21.99
N ILE A 215 19.75 -10.91 22.95
CA ILE A 215 20.12 -9.83 23.85
C ILE A 215 20.20 -10.37 25.27
N VAL A 216 21.45 -10.63 25.65
CA VAL A 216 21.80 -11.06 26.99
C VAL A 216 22.24 -9.81 27.73
N PRO A 217 22.28 -9.90 29.07
CA PRO A 217 22.97 -8.83 29.82
C PRO A 217 24.46 -8.73 29.49
N ARG A 218 25.11 -7.71 30.03
CA ARG A 218 26.52 -7.46 29.71
C ARG A 218 27.37 -8.26 30.69
N ASP A 219 28.39 -8.95 30.16
CA ASP A 219 29.24 -9.82 30.99
C ASP A 219 29.79 -9.01 32.16
N ASP B 1 -8.39 13.41 -17.81
N ASP B 1 -7.03 13.81 -17.15
CA ASP B 1 -8.22 12.66 -16.53
CA ASP B 1 -7.42 12.86 -16.04
C ASP B 1 -8.71 13.44 -15.31
C ASP B 1 -8.44 13.51 -15.10
N ILE B 2 -9.13 12.72 -14.28
CA ILE B 2 -9.90 13.28 -13.17
C ILE B 2 -8.99 13.58 -12.02
N LEU B 3 -9.12 14.81 -11.56
CA LEU B 3 -8.26 15.29 -10.56
C LEU B 3 -9.02 15.11 -9.32
N LEU B 4 -8.34 14.62 -8.30
CA LEU B 4 -8.96 14.38 -7.02
C LEU B 4 -8.21 15.15 -6.01
N THR B 5 -8.90 16.07 -5.35
CA THR B 5 -8.27 16.95 -4.39
C THR B 5 -8.61 16.55 -2.99
N GLN B 6 -7.62 16.40 -2.11
CA GLN B 6 -7.89 16.01 -0.73
C GLN B 6 -7.54 17.11 0.25
N SER B 7 -8.52 17.61 0.99
N SER B 7 -8.55 17.47 1.05
CA SER B 7 -8.19 18.59 2.00
CA SER B 7 -8.52 18.58 1.98
C SER B 7 -8.75 18.13 3.33
C SER B 7 -8.81 18.06 3.39
N PRO B 8 -8.11 18.58 4.41
CA PRO B 8 -6.85 19.30 4.32
C PRO B 8 -5.76 18.25 4.16
N ALA B 9 -4.53 18.69 3.99
CA ALA B 9 -3.43 17.75 3.84
C ALA B 9 -3.08 17.11 5.16
N ILE B 10 -3.29 17.82 6.26
CA ILE B 10 -3.02 17.25 7.59
C ILE B 10 -4.16 17.59 8.51
N LEU B 11 -4.54 16.62 9.33
CA LEU B 11 -5.76 16.70 10.07
C LEU B 11 -5.42 16.28 11.47
N SER B 12 -5.37 17.22 12.40
CA SER B 12 -5.01 16.93 13.80
C SER B 12 -6.30 16.85 14.54
N VAL B 13 -6.45 15.86 15.42
CA VAL B 13 -7.71 15.71 16.08
C VAL B 13 -7.49 15.07 17.43
N SER B 14 -8.48 15.11 18.30
CA SER B 14 -8.32 14.62 19.66
C SER B 14 -8.95 13.25 19.78
N PRO B 15 -8.37 12.39 20.63
CA PRO B 15 -8.81 11.01 20.79
C PRO B 15 -10.29 10.96 20.98
N GLY B 16 -10.93 9.98 20.37
CA GLY B 16 -12.35 9.85 20.47
C GLY B 16 -13.22 10.85 19.71
N GLU B 17 -12.68 11.95 19.16
CA GLU B 17 -13.54 12.87 18.35
C GLU B 17 -13.95 12.19 17.03
N ARG B 18 -15.05 12.66 16.45
CA ARG B 18 -15.45 12.30 15.09
C ARG B 18 -14.62 13.16 14.11
N VAL B 19 -14.04 12.52 13.10
CA VAL B 19 -13.15 13.19 12.14
C VAL B 19 -13.60 12.91 10.70
N SER B 20 -13.34 13.85 9.81
CA SER B 20 -13.85 13.77 8.47
C SER B 20 -12.80 14.22 7.45
N PHE B 21 -12.57 13.43 6.40
CA PHE B 21 -11.55 13.69 5.36
C PHE B 21 -12.25 13.97 4.06
N SER B 22 -11.77 14.97 3.31
CA SER B 22 -12.52 15.39 2.15
C SER B 22 -11.80 14.92 0.89
N CYS B 23 -12.58 14.71 -0.14
CA CYS B 23 -12.02 14.35 -1.41
C CYS B 23 -12.93 14.92 -2.46
N ARG B 24 -12.48 15.96 -3.15
CA ARG B 24 -13.27 16.57 -4.19
C ARG B 24 -12.75 16.20 -5.58
N ALA B 25 -13.63 15.72 -6.42
CA ALA B 25 -13.35 15.46 -7.82
C ALA B 25 -13.59 16.64 -8.81
N SER B 26 -12.86 16.60 -9.92
CA SER B 26 -12.83 17.69 -10.86
C SER B 26 -14.01 17.59 -11.85
N GLN B 27 -14.78 16.51 -11.76
CA GLN B 27 -16.05 16.41 -12.44
C GLN B 27 -16.95 15.33 -11.78
N SER B 28 -18.22 15.33 -12.08
CA SER B 28 -19.12 14.47 -11.34
C SER B 28 -18.80 13.02 -11.60
N ILE B 29 -18.50 12.23 -10.57
CA ILE B 29 -18.22 10.77 -10.75
C ILE B 29 -19.12 9.74 -10.06
N GLY B 30 -20.40 10.05 -9.89
CA GLY B 30 -21.34 9.19 -9.20
C GLY B 30 -20.83 8.92 -7.77
N THR B 31 -20.81 7.65 -7.44
CA THR B 31 -20.26 7.23 -6.18
C THR B 31 -19.06 6.34 -6.37
N ASP B 32 -18.35 6.47 -7.50
CA ASP B 32 -17.20 5.63 -7.79
C ASP B 32 -15.93 6.18 -7.14
N ILE B 33 -16.02 6.36 -5.83
CA ILE B 33 -14.86 6.67 -5.07
C ILE B 33 -14.58 5.54 -4.04
N HIS B 34 -13.31 5.32 -3.78
CA HIS B 34 -12.89 4.28 -2.86
C HIS B 34 -11.82 4.86 -1.98
N TRP B 35 -11.79 4.46 -0.73
CA TRP B 35 -10.87 5.04 0.19
C TRP B 35 -9.94 3.98 0.74
N TYR B 36 -8.65 4.32 0.82
CA TYR B 36 -7.60 3.47 1.29
C TYR B 36 -6.89 4.04 2.48
N GLN B 37 -6.33 3.15 3.31
CA GLN B 37 -5.49 3.49 4.49
C GLN B 37 -4.07 2.93 4.36
N GLN B 38 -3.07 3.77 4.58
CA GLN B 38 -1.68 3.34 4.57
C GLN B 38 -0.97 3.85 5.83
N ARG B 39 -0.71 2.89 6.72
CA ARG B 39 0.12 3.12 7.85
C ARG B 39 1.57 3.22 7.45
N THR B 40 2.35 3.76 8.36
CA THR B 40 3.81 3.88 8.25
C THR B 40 4.41 2.56 7.79
N ASN B 41 4.94 2.54 6.57
CA ASN B 41 5.52 1.35 5.94
C ASN B 41 4.59 0.16 5.60
N GLY B 42 3.32 0.29 5.95
CA GLY B 42 2.30 -0.59 5.44
C GLY B 42 2.08 -0.41 3.95
N SER B 43 1.28 -1.29 3.39
CA SER B 43 0.83 -1.11 2.03
C SER B 43 -0.59 -0.61 2.20
N PRO B 44 -1.23 -0.23 1.10
CA PRO B 44 -2.54 0.33 1.38
C PRO B 44 -3.57 -0.74 1.64
N ARG B 45 -4.64 -0.34 2.32
N ARG B 45 -4.62 -0.35 2.34
CA ARG B 45 -5.71 -1.23 2.67
CA ARG B 45 -5.71 -1.23 2.64
C ARG B 45 -7.06 -0.58 2.39
C ARG B 45 -7.05 -0.57 2.37
N LEU B 46 -7.88 -1.23 1.58
CA LEU B 46 -9.18 -0.73 1.23
C LEU B 46 -10.04 -0.58 2.45
N LEU B 47 -10.69 0.55 2.61
CA LEU B 47 -11.54 0.80 3.77
C LEU B 47 -13.01 0.89 3.41
N ILE B 48 -13.29 1.59 2.31
CA ILE B 48 -14.66 1.90 1.92
C ILE B 48 -14.62 1.82 0.41
N LYS B 49 -15.63 1.27 -0.22
CA LYS B 49 -15.69 1.25 -1.68
C LYS B 49 -17.04 1.76 -2.15
N TYR B 50 -17.07 2.28 -3.36
CA TYR B 50 -18.21 2.96 -3.90
C TYR B 50 -18.77 3.96 -2.87
N ALA B 51 -17.86 4.73 -2.27
CA ALA B 51 -18.19 5.93 -1.48
C ALA B 51 -18.71 5.62 -0.13
N SER B 52 -19.56 4.61 0.00
CA SER B 52 -20.07 4.34 1.34
C SER B 52 -20.12 2.91 1.76
N GLU B 53 -19.74 1.96 0.88
CA GLU B 53 -19.93 0.50 1.18
C GLU B 53 -18.83 -0.06 2.04
N SER B 54 -19.25 -0.58 3.18
CA SER B 54 -18.38 -1.26 4.15
C SER B 54 -17.60 -2.41 3.57
N ILE B 55 -16.46 -2.66 4.16
CA ILE B 55 -15.66 -3.80 3.79
C ILE B 55 -15.53 -4.68 5.04
N SER B 56 -15.30 -5.99 4.88
CA SER B 56 -15.22 -6.84 6.07
C SER B 56 -13.78 -6.87 6.60
N GLY B 57 -13.66 -6.68 7.91
CA GLY B 57 -12.37 -6.46 8.53
C GLY B 57 -12.34 -5.08 9.15
N ILE B 58 -13.09 -4.15 8.59
CA ILE B 58 -12.91 -2.76 8.92
C ILE B 58 -13.86 -2.38 10.04
N PRO B 59 -13.31 -1.80 11.10
CA PRO B 59 -14.19 -1.37 12.20
C PRO B 59 -15.35 -0.54 11.69
N SER B 60 -16.54 -0.77 12.24
CA SER B 60 -17.67 0.10 11.92
C SER B 60 -17.46 1.59 12.28
N ARG B 61 -16.37 1.95 12.96
CA ARG B 61 -16.02 3.39 13.18
C ARG B 61 -15.94 4.12 11.85
N PHE B 62 -15.47 3.40 10.82
CA PHE B 62 -15.24 3.93 9.49
C PHE B 62 -16.51 3.94 8.65
N SER B 63 -16.91 5.11 8.18
CA SER B 63 -17.91 5.17 7.15
C SER B 63 -17.53 6.16 6.08
N GLY B 64 -18.20 6.08 4.96
CA GLY B 64 -18.00 7.05 3.90
C GLY B 64 -19.31 7.63 3.40
N SER B 65 -19.25 8.78 2.77
CA SER B 65 -20.43 9.38 2.22
C SER B 65 -20.10 10.35 1.09
N GLY B 66 -21.10 10.64 0.28
CA GLY B 66 -21.00 11.62 -0.76
C GLY B 66 -21.41 11.04 -2.07
N SER B 67 -21.61 11.92 -3.04
CA SER B 67 -21.79 11.54 -4.41
C SER B 67 -21.56 12.77 -5.31
N GLY B 68 -21.30 12.55 -6.58
CA GLY B 68 -21.00 13.64 -7.52
C GLY B 68 -19.52 14.08 -7.54
N THR B 69 -19.20 15.16 -6.84
CA THR B 69 -17.85 15.64 -6.78
C THR B 69 -17.31 15.77 -5.36
N ASP B 70 -18.15 15.62 -4.33
CA ASP B 70 -17.75 15.78 -2.94
C ASP B 70 -17.96 14.51 -2.16
N PHE B 71 -16.87 14.00 -1.57
CA PHE B 71 -16.87 12.75 -0.79
C PHE B 71 -16.18 12.99 0.54
N THR B 72 -16.56 12.19 1.51
CA THR B 72 -16.08 12.31 2.84
C THR B 72 -15.87 10.92 3.36
N LEU B 73 -14.72 10.72 3.98
CA LEU B 73 -14.47 9.56 4.85
C LEU B 73 -14.58 10.06 6.28
N SER B 74 -15.27 9.33 7.14
CA SER B 74 -15.44 9.76 8.52
C SER B 74 -15.06 8.65 9.44
N ILE B 75 -14.49 9.03 10.58
CA ILE B 75 -14.23 8.08 11.64
C ILE B 75 -14.93 8.57 12.87
N ASN B 76 -15.86 7.75 13.35
CA ASN B 76 -16.48 7.95 14.66
C ASN B 76 -15.45 7.66 15.74
N SER B 77 -15.17 8.60 16.63
CA SER B 77 -14.17 8.34 17.70
C SER B 77 -12.81 7.76 17.23
N VAL B 78 -11.96 8.67 16.78
CA VAL B 78 -10.60 8.35 16.41
C VAL B 78 -9.83 7.64 17.53
N GLU B 79 -8.92 6.77 17.14
CA GLU B 79 -8.01 6.19 18.10
C GLU B 79 -6.69 5.79 17.48
N SER B 80 -5.72 5.48 18.33
CA SER B 80 -4.34 5.45 17.94
C SER B 80 -4.11 4.63 16.67
N GLU B 81 -4.76 3.47 16.53
CA GLU B 81 -4.53 2.62 15.34
C GLU B 81 -4.91 3.33 14.00
N ASP B 82 -5.66 4.43 14.10
CA ASP B 82 -6.07 5.22 12.95
C ASP B 82 -5.02 6.16 12.38
N ILE B 83 -3.85 6.22 13.00
CA ILE B 83 -2.85 7.17 12.58
C ILE B 83 -2.32 6.62 11.30
N ALA B 84 -2.57 7.37 10.24
CA ALA B 84 -2.16 6.94 8.90
C ALA B 84 -2.40 8.02 7.84
N ASN B 85 -1.98 7.71 6.63
CA ASN B 85 -2.41 8.48 5.50
C ASN B 85 -3.62 7.84 4.88
N TYR B 86 -4.49 8.68 4.36
CA TYR B 86 -5.75 8.24 3.84
C TYR B 86 -5.81 8.75 2.44
N TYR B 87 -6.05 7.85 1.46
CA TYR B 87 -6.12 8.22 0.04
C TYR B 87 -7.52 7.95 -0.50
N CYS B 88 -7.90 8.66 -1.57
CA CYS B 88 -9.15 8.42 -2.27
C CYS B 88 -8.78 8.08 -3.65
N GLN B 89 -9.68 7.40 -4.37
CA GLN B 89 -9.35 6.96 -5.70
C GLN B 89 -10.61 6.75 -6.52
N GLN B 90 -10.56 7.05 -7.83
CA GLN B 90 -11.76 6.99 -8.64
C GLN B 90 -11.68 6.00 -9.76
N SER B 91 -12.84 5.38 -10.01
CA SER B 91 -12.96 4.46 -11.10
C SER B 91 -13.99 4.88 -12.03
N ASN B 92 -14.38 6.14 -11.98
CA ASN B 92 -15.48 6.54 -12.87
C ASN B 92 -15.10 6.65 -14.30
N ARG B 93 -13.88 7.11 -14.56
N ARG B 93 -13.86 7.08 -14.54
CA ARG B 93 -13.44 7.30 -15.93
CA ARG B 93 -13.41 7.48 -15.87
C ARG B 93 -11.97 6.98 -15.95
C ARG B 93 -11.93 7.07 -15.97
N TRP B 94 -11.52 6.44 -17.07
CA TRP B 94 -10.08 6.08 -17.28
C TRP B 94 -9.14 7.30 -17.44
N PRO B 95 -7.92 7.20 -16.96
CA PRO B 95 -7.35 6.23 -16.05
C PRO B 95 -7.83 6.44 -14.63
N PHE B 96 -7.75 5.37 -13.84
CA PHE B 96 -7.99 5.48 -12.42
C PHE B 96 -7.02 6.49 -11.87
N THR B 97 -7.46 7.21 -10.84
CA THR B 97 -6.64 8.28 -10.26
C THR B 97 -6.77 8.32 -8.75
N PHE B 98 -5.71 8.79 -8.10
CA PHE B 98 -5.63 8.86 -6.67
C PHE B 98 -5.57 10.33 -6.21
N GLY B 99 -6.08 10.59 -5.02
CA GLY B 99 -5.90 11.87 -4.39
C GLY B 99 -4.49 11.97 -3.83
N SER B 100 -4.12 13.15 -3.39
CA SER B 100 -2.78 13.40 -2.88
C SER B 100 -2.62 13.00 -1.41
N GLY B 101 -3.71 12.80 -0.70
CA GLY B 101 -3.63 12.12 0.58
C GLY B 101 -3.80 13.02 1.75
N THR B 102 -4.34 12.49 2.83
CA THR B 102 -4.44 13.23 4.05
C THR B 102 -3.90 12.40 5.22
N LYS B 103 -3.05 13.00 6.04
CA LYS B 103 -2.49 12.35 7.21
C LYS B 103 -3.32 12.67 8.43
N LEU B 104 -3.68 11.63 9.19
CA LEU B 104 -4.33 11.82 10.46
C LEU B 104 -3.32 11.81 11.58
N GLU B 105 -3.53 12.76 12.47
CA GLU B 105 -2.70 13.02 13.62
C GLU B 105 -3.58 13.26 14.82
N ILE B 106 -3.27 12.56 15.89
CA ILE B 106 -4.04 12.62 17.08
C ILE B 106 -3.30 13.48 18.10
N LYS B 107 -3.90 14.57 18.55
CA LYS B 107 -3.41 15.26 19.74
C LYS B 107 -3.74 14.46 21.01
N ARG B 108 -2.72 13.98 21.71
CA ARG B 108 -2.91 13.29 22.97
C ARG B 108 -2.40 14.11 24.16
N ALA B 109 -2.67 13.63 25.37
CA ALA B 109 -2.03 14.16 26.57
C ALA B 109 -0.49 14.20 26.45
N ASP B 110 0.12 15.20 27.09
CA ASP B 110 1.57 15.32 27.16
C ASP B 110 2.18 14.15 27.89
N ALA B 111 3.33 13.70 27.41
CA ALA B 111 4.03 12.60 28.03
C ALA B 111 5.53 12.85 27.96
N ALA B 112 6.26 12.51 29.03
CA ALA B 112 7.69 12.76 29.06
C ALA B 112 8.43 11.56 28.50
N PRO B 113 9.59 11.81 27.88
CA PRO B 113 10.34 10.68 27.33
C PRO B 113 10.82 9.70 28.39
N THR B 114 11.02 8.46 27.94
CA THR B 114 11.68 7.42 28.68
C THR B 114 13.04 7.27 28.03
N VAL B 115 14.10 7.71 28.72
CA VAL B 115 15.45 7.73 28.09
C VAL B 115 16.24 6.48 28.47
N SER B 116 17.11 6.03 27.55
CA SER B 116 17.89 4.81 27.73
C SER B 116 19.16 4.94 26.94
N ILE B 117 20.27 4.83 27.65
CA ILE B 117 21.58 4.98 26.99
C ILE B 117 22.15 3.60 26.91
N PHE B 118 22.90 3.36 25.84
CA PHE B 118 23.41 2.04 25.50
C PHE B 118 24.88 2.11 25.11
N PRO B 119 25.74 1.40 25.85
CA PRO B 119 27.15 1.27 25.48
C PRO B 119 27.29 0.55 24.17
N PRO B 120 28.46 0.66 23.53
CA PRO B 120 28.70 -0.21 22.39
C PRO B 120 28.70 -1.66 22.81
N SER B 121 28.53 -2.53 21.84
CA SER B 121 28.64 -3.96 22.06
C SER B 121 30.11 -4.36 21.95
N SER B 122 30.50 -5.44 22.62
CA SER B 122 31.86 -5.95 22.43
C SER B 122 32.01 -6.54 21.01
N GLU B 123 30.93 -7.09 20.46
CA GLU B 123 30.91 -7.47 19.05
C GLU B 123 31.33 -6.29 18.14
N GLN B 124 30.73 -5.15 18.36
CA GLN B 124 30.99 -4.00 17.49
C GLN B 124 32.42 -3.55 17.61
N LEU B 125 32.87 -3.41 18.85
CA LEU B 125 34.19 -2.87 19.10
C LEU B 125 35.25 -3.69 18.34
N THR B 126 35.20 -5.01 18.46
CA THR B 126 36.03 -5.93 17.67
C THR B 126 36.39 -5.37 16.26
N SER B 127 35.37 -5.00 15.48
CA SER B 127 35.57 -4.51 14.11
C SER B 127 36.18 -3.08 13.96
N GLY B 128 36.40 -2.38 15.07
CA GLY B 128 37.14 -1.11 15.03
C GLY B 128 36.30 0.14 14.90
N GLY B 129 35.14 0.12 15.57
CA GLY B 129 34.26 1.28 15.64
C GLY B 129 33.41 1.21 16.90
N ALA B 130 32.87 2.35 17.34
CA ALA B 130 32.01 2.40 18.53
C ALA B 130 30.86 3.42 18.44
N SER B 131 29.63 2.92 18.58
CA SER B 131 28.43 3.74 18.51
C SER B 131 27.67 3.64 19.82
N VAL B 132 27.38 4.80 20.41
CA VAL B 132 26.56 4.83 21.63
C VAL B 132 25.16 5.35 21.26
N VAL B 133 24.13 4.66 21.76
CA VAL B 133 22.77 4.91 21.34
C VAL B 133 21.93 5.38 22.50
N CYS B 134 21.29 6.54 22.30
CA CYS B 134 20.27 7.00 23.19
C CYS B 134 18.85 6.91 22.53
N PHE B 135 17.89 6.36 23.27
CA PHE B 135 16.50 6.28 22.87
C PHE B 135 15.64 7.21 23.69
N LEU B 136 14.96 8.12 23.02
CA LEU B 136 14.03 9.04 23.65
C LEU B 136 12.64 8.54 23.24
N ASN B 137 11.94 7.90 24.17
CA ASN B 137 10.81 7.04 23.84
C ASN B 137 9.45 7.40 24.45
N ASN B 138 8.43 7.37 23.57
CA ASN B 138 7.05 7.49 23.95
C ASN B 138 6.73 8.81 24.63
N PHE B 139 7.21 9.89 24.02
CA PHE B 139 6.88 11.19 24.48
C PHE B 139 5.86 11.87 23.55
N TYR B 140 5.22 12.90 24.09
CA TYR B 140 4.35 13.81 23.36
C TYR B 140 4.49 15.19 24.02
N PRO B 141 4.65 16.26 23.22
CA PRO B 141 4.63 16.40 21.75
C PRO B 141 5.95 16.16 21.10
N LYS B 142 5.94 16.18 19.78
CA LYS B 142 7.05 15.64 19.02
C LYS B 142 8.35 16.39 19.19
N ASP B 143 8.28 17.65 19.60
CA ASP B 143 9.50 18.47 19.66
C ASP B 143 10.32 18.08 20.90
N ILE B 144 11.61 17.82 20.71
CA ILE B 144 12.48 17.44 21.79
C ILE B 144 13.94 17.71 21.39
N ASN B 145 14.82 17.92 22.36
CA ASN B 145 16.27 18.15 22.11
C ASN B 145 17.10 17.15 22.86
N VAL B 146 18.11 16.64 22.18
CA VAL B 146 19.01 15.66 22.76
C VAL B 146 20.38 16.29 22.78
N LYS B 147 21.03 16.24 23.92
CA LYS B 147 22.38 16.76 24.03
C LYS B 147 23.36 15.66 24.44
N TRP B 148 24.49 15.60 23.75
CA TRP B 148 25.58 14.74 24.15
C TRP B 148 26.71 15.51 24.86
N LYS B 149 27.13 14.98 26.02
CA LYS B 149 28.29 15.45 26.77
C LYS B 149 29.28 14.33 27.01
N ILE B 150 30.53 14.55 26.60
CA ILE B 150 31.65 13.65 26.94
C ILE B 150 32.54 14.22 28.05
N ASP B 151 32.62 13.46 29.14
CA ASP B 151 33.38 13.86 30.32
C ASP B 151 33.05 15.31 30.61
N GLY B 152 31.76 15.57 30.83
CA GLY B 152 31.25 16.90 31.19
C GLY B 152 31.19 17.95 30.08
N SER B 153 31.81 17.66 28.93
CA SER B 153 31.94 18.60 27.82
C SER B 153 31.11 18.16 26.59
N GLU B 154 30.09 18.94 26.26
CA GLU B 154 29.24 18.74 25.07
C GLU B 154 30.02 18.42 23.76
N ARG B 155 29.68 17.31 23.11
CA ARG B 155 30.22 16.97 21.79
C ARG B 155 29.14 17.09 20.71
N GLN B 156 29.53 17.59 19.53
CA GLN B 156 28.62 17.69 18.39
C GLN B 156 29.02 16.87 17.15
N ASN B 157 30.28 16.48 17.03
CA ASN B 157 30.70 15.62 15.93
C ASN B 157 30.06 14.23 16.04
N GLY B 158 29.91 13.56 14.90
CA GLY B 158 29.57 12.14 14.82
C GLY B 158 28.20 11.70 15.34
N VAL B 159 27.28 12.65 15.47
CA VAL B 159 25.92 12.32 15.97
C VAL B 159 24.90 12.25 14.83
N LEU B 160 24.18 11.13 14.75
CA LEU B 160 23.00 11.01 13.88
C LEU B 160 21.75 10.75 14.70
N ASN B 161 20.71 11.51 14.40
CA ASN B 161 19.39 11.31 14.99
C ASN B 161 18.33 10.86 13.97
N SER B 162 17.33 10.14 14.47
CA SER B 162 16.16 9.72 13.66
C SER B 162 14.92 9.73 14.55
N TRP B 163 13.83 10.26 14.01
CA TRP B 163 12.58 10.43 14.77
C TRP B 163 11.50 9.56 14.10
N THR B 164 10.69 8.86 14.89
CA THR B 164 9.61 8.09 14.33
C THR B 164 8.43 9.00 14.11
N ASP B 165 7.67 8.70 13.09
CA ASP B 165 6.33 9.27 13.03
C ASP B 165 5.44 8.83 14.19
N GLN B 166 4.32 9.52 14.34
CA GLN B 166 3.41 9.21 15.42
C GLN B 166 3.06 7.74 15.41
N ASP B 167 2.87 7.19 16.60
CA ASP B 167 2.84 5.78 16.78
C ASP B 167 1.37 5.33 16.93
N SER B 168 1.01 4.28 16.19
CA SER B 168 -0.35 3.79 16.20
C SER B 168 -0.70 2.96 17.41
N LYS B 169 0.25 2.72 18.32
CA LYS B 169 -0.06 2.06 19.58
C LYS B 169 -0.56 3.08 20.61
N ASP B 170 0.00 4.30 20.60
CA ASP B 170 -0.34 5.28 21.66
C ASP B 170 -0.24 6.75 21.24
N SER B 171 -0.35 7.03 19.96
CA SER B 171 -0.21 8.42 19.46
C SER B 171 1.04 9.17 20.00
N THR B 172 2.05 8.47 20.53
CA THR B 172 3.27 9.19 20.99
C THR B 172 4.27 9.27 19.87
N TYR B 173 5.39 9.94 20.15
CA TYR B 173 6.51 9.97 19.25
C TYR B 173 7.74 9.37 19.96
N SER B 174 8.75 9.03 19.16
CA SER B 174 10.01 8.51 19.69
C SER B 174 11.18 8.97 18.86
N MET B 175 12.37 8.88 19.44
CA MET B 175 13.57 9.34 18.77
C MET B 175 14.79 8.54 19.17
N SER B 176 15.68 8.32 18.23
CA SER B 176 16.95 7.67 18.50
C SER B 176 18.05 8.63 18.07
N SER B 177 19.03 8.79 18.96
CA SER B 177 20.20 9.61 18.74
C SER B 177 21.41 8.71 18.87
N THR B 178 22.27 8.70 17.85
CA THR B 178 23.36 7.73 17.79
C THR B 178 24.71 8.42 17.57
N LEU B 179 25.59 8.24 18.57
CA LEU B 179 26.92 8.84 18.63
C LEU B 179 27.98 7.83 18.21
N THR B 180 28.73 8.15 17.15
CA THR B 180 29.63 7.20 16.48
C THR B 180 31.08 7.73 16.38
N LEU B 181 32.01 6.99 17.00
CA LEU B 181 33.45 7.32 17.01
C LEU B 181 34.23 6.06 16.68
N THR B 182 35.54 6.17 16.54
CA THR B 182 36.41 4.97 16.44
C THR B 182 36.61 4.35 17.81
N LYS B 183 37.21 3.17 17.84
CA LYS B 183 37.59 2.62 19.13
C LYS B 183 38.58 3.62 19.76
N ASP B 184 39.60 4.02 18.99
CA ASP B 184 40.63 4.98 19.42
C ASP B 184 40.04 6.10 20.26
N GLU B 185 39.06 6.79 19.67
CA GLU B 185 38.46 7.98 20.26
C GLU B 185 37.53 7.67 21.47
N TYR B 186 36.84 6.51 21.42
CA TYR B 186 35.97 6.06 22.53
C TYR B 186 36.81 5.66 23.75
N GLU B 187 38.04 5.19 23.48
CA GLU B 187 38.96 4.70 24.52
C GLU B 187 39.44 5.82 25.44
N ARG B 188 39.84 6.94 24.85
CA ARG B 188 40.34 8.08 25.61
C ARG B 188 39.26 9.01 26.25
N HIS B 189 38.11 8.46 26.65
CA HIS B 189 37.14 9.18 27.51
C HIS B 189 36.42 8.21 28.49
N ASN B 190 35.88 8.74 29.58
CA ASN B 190 35.30 7.88 30.63
C ASN B 190 33.78 7.83 30.63
N SER B 191 33.16 9.01 30.51
CA SER B 191 31.76 9.22 30.85
C SER B 191 30.99 9.84 29.66
N TYR B 192 29.98 9.10 29.19
CA TYR B 192 29.07 9.55 28.14
C TYR B 192 27.69 9.78 28.73
N THR B 193 27.10 10.92 28.41
CA THR B 193 25.75 11.20 28.85
C THR B 193 24.92 11.77 27.70
N CYS B 194 23.68 11.29 27.63
CA CYS B 194 22.73 11.79 26.68
C CYS B 194 21.76 12.54 27.56
N GLU B 195 21.56 13.81 27.25
CA GLU B 195 20.66 14.70 27.97
C GLU B 195 19.41 14.99 27.14
N ALA B 196 18.23 15.03 27.74
CA ALA B 196 17.00 15.23 26.94
C ALA B 196 16.07 16.31 27.48
N THR B 197 15.70 17.25 26.61
CA THR B 197 14.99 18.45 27.00
C THR B 197 13.57 18.44 26.42
N HIS B 198 12.55 18.48 27.25
CA HIS B 198 11.23 18.30 26.73
C HIS B 198 10.18 18.98 27.58
N LYS B 199 9.44 19.88 26.93
CA LYS B 199 8.21 20.51 27.45
C LYS B 199 7.74 20.00 28.82
N THR B 200 7.65 18.69 29.00
CA THR B 200 7.10 18.09 30.22
C THR B 200 7.86 18.33 31.54
N SER B 201 9.13 18.72 31.45
CA SER B 201 9.96 19.05 32.63
C SER B 201 10.88 20.22 32.34
N THR B 202 11.09 21.07 33.34
CA THR B 202 12.07 22.17 33.22
C THR B 202 13.49 21.60 33.40
N SER B 203 13.64 20.62 34.29
CA SER B 203 14.87 19.85 34.41
C SER B 203 15.02 18.87 33.23
N PRO B 204 16.20 18.83 32.57
CA PRO B 204 16.40 17.75 31.59
C PRO B 204 16.43 16.35 32.20
N ILE B 205 15.93 15.37 31.45
CA ILE B 205 16.13 13.97 31.79
C ILE B 205 17.50 13.58 31.21
N VAL B 206 18.43 13.17 32.08
CA VAL B 206 19.78 12.84 31.63
C VAL B 206 20.12 11.37 31.93
N LYS B 207 20.82 10.73 30.99
CA LYS B 207 21.23 9.34 31.15
C LYS B 207 22.66 9.10 30.72
N SER B 208 23.41 8.47 31.60
CA SER B 208 24.86 8.36 31.44
C SER B 208 25.35 6.93 31.76
N PHE B 209 26.46 6.54 31.17
CA PHE B 209 27.20 5.34 31.57
C PHE B 209 28.71 5.64 31.51
N ASN B 210 29.50 4.92 32.34
CA ASN B 210 30.98 4.99 32.30
C ASN B 210 31.62 3.67 31.88
N ARG B 211 32.66 3.74 31.07
CA ARG B 211 33.36 2.52 30.65
C ARG B 211 34.17 1.89 31.81
N ASN B 212 34.90 2.73 32.55
CA ASN B 212 35.61 2.29 33.75
C ASN B 212 34.62 2.04 34.88
N ALA C 1 -28.82 -26.15 -19.21
CA ALA C 1 -30.04 -25.77 -18.41
C ALA C 1 -31.21 -25.29 -19.33
N ALA C 2 -31.49 -23.98 -19.39
CA ALA C 2 -32.50 -23.39 -20.32
C ALA C 2 -31.95 -23.25 -21.75
N VAL C 3 -30.70 -23.68 -21.95
CA VAL C 3 -29.98 -23.61 -23.24
C VAL C 3 -30.45 -24.69 -24.24
N ALA C 4 -30.72 -25.89 -23.74
CA ALA C 4 -31.18 -27.01 -24.58
C ALA C 4 -32.62 -26.78 -25.03
N LEU C 5 -33.44 -26.30 -24.08
CA LEU C 5 -34.86 -25.97 -24.33
C LEU C 5 -35.02 -24.94 -25.49
N LEU C 6 -34.26 -23.85 -25.41
CA LEU C 6 -34.31 -22.80 -26.44
C LEU C 6 -33.94 -23.34 -27.82
N LEU C 7 -32.75 -23.93 -27.92
CA LEU C 7 -32.20 -24.43 -29.20
C LEU C 7 -33.12 -25.41 -29.96
N GLY C 8 -34.67 -31.98 -33.92
CA GLY C 8 -35.96 -32.45 -34.49
C GLY C 8 -37.09 -31.43 -34.71
N SER C 9 -37.01 -30.25 -34.06
CA SER C 9 -38.17 -29.32 -33.87
C SER C 9 -38.46 -28.29 -35.01
N ALA C 10 -39.43 -27.39 -34.77
CA ALA C 10 -39.82 -26.35 -35.74
C ALA C 10 -38.76 -25.28 -35.99
N LEU C 11 -38.44 -25.09 -37.27
CA LEU C 11 -37.38 -24.18 -37.69
C LEU C 11 -37.48 -22.84 -36.99
N HIS C 12 -38.59 -22.17 -37.20
CA HIS C 12 -38.74 -20.89 -36.57
C HIS C 12 -38.35 -20.96 -35.09
N TRP C 13 -38.81 -21.97 -34.39
CA TRP C 13 -38.50 -22.05 -32.97
C TRP C 13 -37.02 -22.35 -32.64
N ARG C 14 -36.36 -23.10 -33.53
CA ARG C 14 -34.94 -23.33 -33.40
C ARG C 14 -34.18 -22.02 -33.57
N ALA C 15 -34.35 -21.36 -34.73
CA ALA C 15 -33.76 -20.00 -35.00
C ALA C 15 -33.96 -18.97 -33.87
N ALA C 16 -35.18 -18.86 -33.36
CA ALA C 16 -35.44 -17.94 -32.26
C ALA C 16 -34.60 -18.28 -31.04
N GLY C 17 -34.66 -19.54 -30.63
CA GLY C 17 -33.86 -20.04 -29.51
C GLY C 17 -32.39 -19.84 -29.76
N ALA C 18 -31.94 -20.26 -30.92
CA ALA C 18 -30.54 -20.07 -31.30
C ALA C 18 -30.18 -18.60 -31.12
N ALA C 19 -30.99 -17.73 -31.72
CA ALA C 19 -30.72 -16.30 -31.66
C ALA C 19 -30.73 -15.81 -30.21
N THR C 20 -31.63 -16.33 -29.39
CA THR C 20 -31.69 -15.86 -28.03
C THR C 20 -30.46 -16.27 -27.24
N VAL C 21 -29.94 -17.44 -27.54
CA VAL C 21 -28.82 -17.96 -26.80
C VAL C 21 -27.57 -17.16 -27.22
N LEU C 22 -27.41 -17.05 -28.53
CA LEU C 22 -26.41 -16.24 -29.13
C LEU C 22 -26.45 -14.80 -28.59
N LEU C 23 -27.64 -14.28 -28.37
CA LEU C 23 -27.75 -12.93 -27.84
C LEU C 23 -27.18 -12.85 -26.46
N VAL C 24 -27.56 -13.80 -25.60
CA VAL C 24 -26.98 -13.83 -24.24
C VAL C 24 -25.47 -13.93 -24.28
N ILE C 25 -24.95 -14.81 -25.13
CA ILE C 25 -23.50 -14.90 -25.31
C ILE C 25 -22.93 -13.55 -25.71
N VAL C 26 -23.53 -12.95 -26.73
CA VAL C 26 -23.05 -11.67 -27.23
C VAL C 26 -23.12 -10.59 -26.17
N LEU C 27 -24.11 -10.62 -25.29
CA LEU C 27 -24.13 -9.68 -24.17
C LEU C 27 -22.97 -9.84 -23.20
N LEU C 28 -22.67 -11.08 -22.78
CA LEU C 28 -21.57 -11.33 -21.79
C LEU C 28 -20.20 -10.99 -22.38
N ALA C 29 -19.93 -11.52 -23.56
CA ALA C 29 -18.70 -11.26 -24.26
C ALA C 29 -18.59 -9.81 -24.67
N GLY C 30 -19.74 -9.21 -25.01
CA GLY C 30 -19.77 -7.81 -25.33
C GLY C 30 -19.38 -6.97 -24.17
N SER C 31 -19.91 -7.32 -23.02
CA SER C 31 -19.48 -6.58 -21.85
C SER C 31 -17.98 -6.76 -21.57
N TYR C 32 -17.44 -7.96 -21.80
CA TYR C 32 -16.02 -8.20 -21.41
C TYR C 32 -15.18 -7.43 -22.42
N LEU C 33 -15.57 -7.50 -23.68
CA LEU C 33 -14.79 -6.86 -24.70
C LEU C 33 -14.84 -5.36 -24.65
N ALA C 34 -15.99 -4.78 -24.34
CA ALA C 34 -16.04 -3.31 -24.24
C ALA C 34 -15.08 -2.81 -23.21
N VAL C 35 -15.04 -3.47 -22.06
CA VAL C 35 -14.12 -3.03 -21.04
C VAL C 35 -12.72 -3.03 -21.61
N LEU C 36 -12.36 -4.11 -22.25
CA LEU C 36 -11.05 -4.26 -22.87
C LEU C 36 -10.66 -3.20 -23.82
N ALA C 37 -11.58 -2.94 -24.74
CA ALA C 37 -11.47 -1.90 -25.76
C ALA C 37 -11.37 -0.47 -25.23
N GLU C 38 -12.09 -0.18 -24.14
CA GLU C 38 -12.23 1.19 -23.61
C GLU C 38 -11.22 1.53 -22.56
N ARG C 39 -10.69 0.57 -21.79
CA ARG C 39 -9.65 0.96 -20.87
C ARG C 39 -8.44 1.39 -21.72
N GLY C 40 -7.73 2.43 -21.35
CA GLY C 40 -6.73 2.94 -22.28
C GLY C 40 -7.12 4.24 -22.97
N ALA C 41 -8.41 4.39 -23.28
CA ALA C 41 -9.00 5.67 -23.79
C ALA C 41 -9.36 6.70 -22.70
N PRO C 42 -8.53 7.71 -22.46
CA PRO C 42 -8.86 8.69 -21.42
C PRO C 42 -10.29 9.20 -21.54
N GLY C 43 -10.99 9.33 -20.41
CA GLY C 43 -12.40 9.75 -20.38
C GLY C 43 -13.47 8.69 -20.61
N ALA C 44 -13.04 7.48 -20.93
CA ALA C 44 -13.96 6.43 -21.24
C ALA C 44 -14.63 6.07 -19.94
N GLN C 45 -15.91 5.67 -19.99
CA GLN C 45 -16.70 5.33 -18.77
C GLN C 45 -17.16 3.89 -18.72
N LEU C 46 -17.09 3.26 -19.86
CA LEU C 46 -17.54 1.91 -20.05
C LEU C 46 -16.31 1.00 -19.76
N ILE C 47 -15.86 1.02 -18.49
CA ILE C 47 -14.59 0.44 -18.06
C ILE C 47 -14.59 -0.50 -16.84
N THR C 48 -15.75 -0.74 -16.22
CA THR C 48 -15.91 -1.85 -15.30
C THR C 48 -17.04 -2.79 -15.79
N TYR C 49 -16.93 -4.11 -15.50
CA TYR C 49 -17.82 -5.15 -16.09
C TYR C 49 -19.28 -5.09 -15.63
N PRO C 50 -19.49 -4.87 -14.37
CA PRO C 50 -20.90 -4.87 -13.99
C PRO C 50 -21.70 -3.81 -14.79
N ARG C 51 -21.23 -2.55 -14.80
CA ARG C 51 -21.99 -1.52 -15.58
C ARG C 51 -21.95 -1.81 -17.05
N ALA C 52 -20.86 -2.44 -17.51
CA ALA C 52 -20.72 -2.77 -18.91
C ALA C 52 -21.78 -3.74 -19.29
N LEU C 53 -22.11 -4.67 -18.41
CA LEU C 53 -23.17 -5.65 -18.77
C LEU C 53 -24.53 -4.97 -18.87
N TRP C 54 -24.78 -3.99 -18.03
CA TRP C 54 -25.99 -3.17 -18.13
C TRP C 54 -26.01 -2.31 -19.39
N TRP C 55 -24.87 -1.70 -19.72
CA TRP C 55 -24.74 -1.03 -21.00
C TRP C 55 -25.08 -1.93 -22.17
N SER C 56 -24.65 -3.18 -22.10
CA SER C 56 -24.89 -4.09 -23.21
C SER C 56 -26.36 -4.36 -23.38
N VAL C 57 -27.06 -4.54 -22.27
CA VAL C 57 -28.51 -4.83 -22.38
C VAL C 57 -29.30 -3.62 -22.93
N GLU C 58 -29.01 -2.41 -22.43
CA GLU C 58 -29.69 -1.22 -22.92
C GLU C 58 -29.32 -0.93 -24.35
N THR C 59 -28.16 -1.38 -24.80
CA THR C 59 -27.79 -1.19 -26.19
C THR C 59 -28.52 -2.17 -27.08
N ALA C 60 -28.56 -3.42 -26.65
CA ALA C 60 -29.19 -4.45 -27.43
C ALA C 60 -30.65 -4.20 -27.54
N THR C 61 -31.25 -3.66 -26.49
CA THR C 61 -32.68 -3.42 -26.59
C THR C 61 -32.93 -2.10 -27.30
N THR C 62 -31.85 -1.41 -27.62
CA THR C 62 -31.91 -0.15 -28.35
C THR C 62 -32.47 0.99 -27.51
N VAL C 63 -32.54 0.83 -26.20
CA VAL C 63 -32.94 1.92 -25.33
C VAL C 63 -31.91 3.03 -25.40
N GLY C 64 -30.65 2.72 -25.16
CA GLY C 64 -29.64 3.74 -25.19
C GLY C 64 -29.83 5.00 -24.37
N TYR C 65 -29.82 4.90 -23.05
CA TYR C 65 -29.97 6.03 -22.21
C TYR C 65 -28.90 7.10 -22.42
N GLY C 66 -27.65 6.75 -22.67
CA GLY C 66 -26.58 7.78 -22.72
C GLY C 66 -25.80 7.91 -21.41
N ASP C 67 -26.18 7.13 -20.42
CA ASP C 67 -25.42 7.09 -19.17
C ASP C 67 -24.05 6.51 -19.49
N LEU C 68 -24.04 5.59 -20.40
CA LEU C 68 -22.79 5.03 -20.81
C LEU C 68 -22.81 4.63 -22.27
N TYR C 69 -21.63 4.72 -22.89
CA TYR C 69 -21.43 4.37 -24.27
C TYR C 69 -19.94 4.35 -24.62
N PRO C 70 -19.58 3.69 -25.70
CA PRO C 70 -18.19 3.58 -25.98
C PRO C 70 -17.73 4.76 -26.80
N VAL C 71 -16.47 5.12 -26.64
CA VAL C 71 -15.81 6.14 -27.44
C VAL C 71 -14.62 5.66 -28.26
N THR C 72 -14.30 4.35 -28.26
CA THR C 72 -13.20 3.87 -29.13
C THR C 72 -13.71 3.14 -30.35
N LEU C 73 -12.85 2.96 -31.36
CA LEU C 73 -13.21 2.21 -32.55
C LEU C 73 -13.73 0.82 -32.21
N TRP C 74 -13.02 0.12 -31.33
CA TRP C 74 -13.38 -1.25 -31.06
C TRP C 74 -14.54 -1.34 -30.10
N GLY C 75 -14.59 -0.44 -29.11
CA GLY C 75 -15.81 -0.32 -28.29
C GLY C 75 -17.01 -0.20 -29.20
N ARG C 76 -16.89 0.73 -30.14
CA ARG C 76 -17.99 1.02 -30.99
C ARG C 76 -18.31 -0.17 -31.85
N CYS C 77 -17.26 -0.89 -32.30
CA CYS C 77 -17.48 -2.09 -33.12
C CYS C 77 -18.23 -3.10 -32.28
N VAL C 78 -17.87 -3.19 -31.01
CA VAL C 78 -18.56 -4.10 -30.11
C VAL C 78 -20.03 -3.70 -29.91
N ALA C 79 -20.24 -2.41 -29.66
CA ALA C 79 -21.57 -1.84 -29.59
C ALA C 79 -22.40 -2.26 -30.74
N VAL C 80 -21.77 -2.29 -31.95
CA VAL C 80 -22.57 -2.54 -33.15
C VAL C 80 -22.96 -3.99 -33.25
N VAL C 81 -22.11 -4.88 -32.77
CA VAL C 81 -22.45 -6.32 -32.81
C VAL C 81 -23.58 -6.54 -31.85
N VAL C 82 -23.50 -5.91 -30.66
CA VAL C 82 -24.55 -6.07 -29.67
C VAL C 82 -25.88 -5.61 -30.22
N MET C 83 -25.90 -4.41 -30.84
CA MET C 83 -27.13 -3.85 -31.43
C MET C 83 -27.75 -4.84 -32.33
N VAL C 84 -26.95 -5.31 -33.28
CA VAL C 84 -27.43 -6.23 -34.30
C VAL C 84 -27.94 -7.52 -33.69
N ALA C 85 -27.26 -7.96 -32.64
CA ALA C 85 -27.58 -9.21 -32.02
C ALA C 85 -28.98 -9.06 -31.41
N GLY C 86 -29.20 -7.92 -30.78
CA GLY C 86 -30.52 -7.63 -30.21
C GLY C 86 -31.60 -7.52 -31.26
N ILE C 87 -31.30 -6.78 -32.31
CA ILE C 87 -32.27 -6.56 -33.37
C ILE C 87 -32.61 -7.87 -34.07
N THR C 88 -31.59 -8.59 -34.48
CA THR C 88 -31.76 -9.88 -35.14
C THR C 88 -32.52 -10.81 -34.24
N SER C 89 -32.24 -10.85 -32.95
CA SER C 89 -33.07 -11.70 -32.09
C SER C 89 -34.52 -11.35 -32.18
N PHE C 90 -34.79 -10.08 -32.09
CA PHE C 90 -36.17 -9.67 -31.96
C PHE C 90 -36.89 -9.77 -33.26
N GLY C 91 -36.15 -9.65 -34.36
CA GLY C 91 -36.73 -9.84 -35.66
C GLY C 91 -37.12 -11.27 -35.81
N LEU C 92 -36.32 -12.15 -35.19
CA LEU C 92 -36.52 -13.60 -35.29
C LEU C 92 -37.59 -14.10 -34.34
N VAL C 93 -37.68 -13.53 -33.16
CA VAL C 93 -38.75 -13.93 -32.27
C VAL C 93 -40.09 -13.49 -32.86
N THR C 94 -40.16 -12.25 -33.37
CA THR C 94 -41.41 -11.74 -33.93
C THR C 94 -41.89 -12.53 -35.15
N ALA C 95 -40.97 -12.91 -36.01
CA ALA C 95 -41.30 -13.69 -37.16
C ALA C 95 -41.75 -15.04 -36.72
N ALA C 96 -41.08 -15.58 -35.70
CA ALA C 96 -41.42 -16.89 -35.13
C ALA C 96 -42.82 -16.89 -34.54
N LEU C 97 -43.13 -15.84 -33.78
CA LEU C 97 -44.48 -15.66 -33.28
C LEU C 97 -45.47 -15.55 -34.41
N ALA C 98 -45.15 -14.73 -35.39
CA ALA C 98 -46.09 -14.54 -36.50
C ALA C 98 -46.34 -15.86 -37.23
N THR C 99 -45.39 -16.78 -37.24
CA THR C 99 -45.55 -18.01 -38.00
C THR C 99 -46.43 -19.00 -37.29
N TRP C 100 -46.41 -18.93 -35.99
CA TRP C 100 -47.10 -19.86 -35.11
C TRP C 100 -48.56 -19.45 -35.05
N PHE C 101 -48.78 -18.21 -34.71
CA PHE C 101 -50.08 -17.64 -34.80
C PHE C 101 -50.72 -17.80 -36.14
N VAL C 102 -49.98 -17.65 -37.22
CA VAL C 102 -50.56 -17.83 -38.53
C VAL C 102 -50.89 -19.29 -38.67
N GLY C 103 -49.96 -20.14 -38.30
CA GLY C 103 -50.17 -21.59 -38.40
C GLY C 103 -51.34 -22.10 -37.58
N ARG C 104 -51.65 -21.41 -36.46
CA ARG C 104 -52.75 -21.80 -35.56
C ARG C 104 -54.10 -21.25 -36.04
N GLU C 105 -54.13 -20.03 -36.57
CA GLU C 105 -55.37 -19.49 -37.16
C GLU C 105 -55.72 -20.28 -38.42
N GLN C 106 -54.72 -20.77 -39.14
CA GLN C 106 -55.00 -21.71 -40.20
C GLN C 106 -55.60 -23.03 -39.66
N GLU C 107 -55.25 -23.43 -38.45
CA GLU C 107 -55.86 -24.64 -37.87
C GLU C 107 -57.28 -24.36 -37.38
N ARG C 108 -57.47 -23.24 -36.73
CA ARG C 108 -58.80 -22.84 -36.21
C ARG C 108 -59.81 -22.59 -37.35
N ARG C 109 -59.34 -22.43 -38.59
CA ARG C 109 -60.25 -22.28 -39.77
C ARG C 109 -60.47 -23.60 -40.49
N GLY C 110 -59.77 -24.67 -40.06
CA GLY C 110 -59.96 -26.01 -40.62
C GLY C 110 -59.25 -26.20 -41.96
N HIS C 111 -58.36 -25.27 -42.29
CA HIS C 111 -57.84 -25.15 -43.65
C HIS C 111 -56.65 -26.09 -43.88
C1 F09 D . -15.74 -6.97 -32.94
C2 F09 D . -14.27 -6.75 -32.60
C3 F09 D . -13.99 -6.73 -31.08
C4 F09 D . -12.50 -6.65 -30.65
C5 F09 D . -12.26 -6.03 -29.26
C6 F09 D . -10.79 -6.08 -28.78
C7 F09 D . -10.17 -4.78 -28.26
C8 F09 D . -8.65 -4.60 -28.48
C9 F09 D . -8.06 -3.38 -27.75
OXT F09 D . -7.14 -2.70 -28.22
N1 IND E . 14.49 19.50 13.85
C2 IND E . 15.18 19.56 12.66
C3 IND E . 14.77 18.55 11.82
C4 IND E . 12.96 16.67 12.25
C5 IND E . 12.05 16.22 13.23
C6 IND E . 11.93 16.87 14.48
C7 IND E . 12.70 17.97 14.80
C8 IND E . 13.62 18.43 13.82
C9 IND E . 13.77 17.81 12.56
K K F . -30.20 9.25 -24.93
K K G . -31.91 6.89 -26.64
K K H . -33.55 4.62 -28.27
K K I . -35.20 2.34 -29.93
CA1 DGA J . -13.45 6.07 -34.20
CA2 DGA J . -14.83 5.52 -34.59
CA3 DGA J . -15.01 4.83 -35.93
CA4 DGA J . -16.46 4.40 -36.22
CA5 DGA J . -16.67 2.87 -36.25
CA6 DGA J . -18.06 2.46 -36.79
CA7 DGA J . -18.29 0.97 -36.71
CA8 DGA J . -19.50 0.54 -37.56
CA9 DGA J . -19.28 -0.25 -38.86
OA1 DGA J . -13.37 6.56 -33.10
CB1 DGA J . -10.12 5.89 -37.42
CB2 DGA J . -11.25 4.90 -37.56
CB3 DGA J . -11.64 4.77 -39.03
CB4 DGA J . -13.11 4.44 -39.12
CB5 DGA J . -13.89 4.72 -40.18
CB6 DGA J . -13.40 5.39 -41.46
CB7 DGA J . -14.13 6.69 -41.78
CB8 DGA J . -15.50 6.47 -42.40
CB9 DGA J . -15.80 7.61 -43.38
CAB DGA J . -17.30 7.73 -43.63
CBB DGA J . -17.59 8.83 -44.65
CCB DGA J . -17.44 8.28 -46.08
CDB DGA J . -17.59 9.34 -47.15
CEB DGA J . -16.68 10.51 -46.85
OB1 DGA J . -9.02 5.71 -37.93
OG1 DGA J . -12.21 6.09 -34.99
CG1 DGA J . -10.97 6.52 -34.37
CG2 DGA J . -9.82 6.96 -35.30
OG2 DGA J . -10.30 7.11 -36.65
CG3 DGA J . -9.15 8.30 -34.88
OXT DGA J . -8.10 8.13 -33.90
CO CO K . -53.69 -23.26 -48.42
CAS XA7 L . -28.08 16.87 -19.32
CAS XA7 L . -25.40 14.19 -17.92
CAR XA7 L . -29.37 16.18 -18.89
CAR XA7 L . -25.14 12.70 -17.83
CAQ XA7 L . -29.45 14.78 -19.48
CAQ XA7 L . -25.44 12.02 -19.16
CAP XA7 L . -29.52 14.85 -21.01
CAP XA7 L . -26.91 12.16 -19.52
CAO XA7 L . -29.81 13.48 -21.60
CAO XA7 L . -27.25 11.30 -20.74
CAN XA7 L . -29.02 13.25 -22.88
CAN XA7 L . -28.22 12.04 -21.66
NAM XA7 L . -27.57 13.15 -22.56
NAM XA7 L . -27.58 13.24 -22.21
CAT XA7 L . -27.37 13.27 -21.12
CAT XA7 L . -26.19 13.32 -21.74
CAU XA7 L . -27.85 11.99 -20.44
CAU XA7 L . -25.34 12.30 -22.49
CAV XA7 L . -26.88 11.55 -19.36
CAV XA7 L . -24.04 12.91 -22.96
CAW XA7 L . -26.95 12.49 -18.15
CAW XA7 L . -23.12 13.22 -21.78
CAX XA7 L . -25.56 13.00 -17.78
CAX XA7 L . -22.65 14.67 -21.82
CAY XA7 L . -25.46 14.49 -18.02
CAY XA7 L . -23.15 15.45 -20.63
CAL XA7 L . -27.06 11.86 -23.02
CAL XA7 L . -27.61 13.18 -23.68
CAK XA7 L . -25.60 12.00 -23.41
CAK XA7 L . -27.73 14.59 -24.25
CAJ XA7 L . -24.71 11.95 -22.18
CAJ XA7 L . -26.37 15.26 -24.33
CAI XA7 L . -23.46 12.82 -22.35
CAI XA7 L . -26.49 16.76 -24.12
CAH XA7 L . -23.62 14.13 -21.59
CAH XA7 L . -26.14 17.14 -22.69
CAG XA7 L . -23.16 15.30 -22.43
CAG XA7 L . -27.10 18.17 -22.14
CAF XA7 L . -26.86 14.24 -23.25
CAF XA7 L . -28.32 14.43 -21.75
CAA XA7 L . -27.81 15.40 -23.52
CAA XA7 L . -29.05 14.11 -20.46
CAB XA7 L . -27.05 16.63 -23.98
CAB XA7 L . -29.64 15.37 -19.83
CAC XA7 L . -26.76 17.58 -22.83
CAC XA7 L . -28.71 15.93 -18.77
CAD XA7 L . -25.39 17.28 -22.25
CAD XA7 L . -27.76 16.93 -19.40
CAE XA7 L . -24.87 18.08 -21.35
CAE XA7 L . -26.93 17.63 -18.64
CAS XA7 M . -34.30 -6.44 -28.74
CAS XA7 M . -41.31 4.11 -36.01
CAR XA7 M . -34.40 -5.41 -29.86
CAR XA7 M . -40.13 3.19 -35.76
CAQ XA7 M . -35.59 -4.50 -29.65
CAQ XA7 M . -40.45 2.15 -34.69
CAP XA7 M . -35.90 -3.70 -30.92
CAP XA7 M . -39.32 1.14 -34.60
CAO XA7 M . -37.08 -2.77 -30.73
CAO XA7 M . -39.41 0.31 -33.33
CAN XA7 M . -36.79 -1.37 -31.26
CAN XA7 M . -38.86 -1.08 -33.55
NAM XA7 M . -37.68 -1.09 -32.40
NAM XA7 M . -37.80 -1.35 -32.57
CAT XA7 M . -37.16 -1.79 -33.57
CAT XA7 M . -36.54 -0.74 -33.03
CAU XA7 M . -35.75 -1.28 -33.85
CAU XA7 M . -36.15 -1.36 -34.37
CAV XA7 M . -35.14 -1.97 -35.06
CAV XA7 M . -35.12 -0.48 -35.05
CAW XA7 M . -34.91 -0.97 -36.18
CAW XA7 M . -33.81 -1.22 -35.26
CAX XA7 M . -33.42 -0.67 -36.30
CAX XA7 M . -33.73 -1.79 -36.67
CAY XA7 M . -32.72 -1.57 -37.28
CAY XA7 M . -32.47 -1.36 -37.39
CAL XA7 M . -39.03 -1.53 -32.07
CAL XA7 M . -38.17 -0.78 -31.27
CAK XA7 M . -39.50 -0.74 -30.86
CAK XA7 M . -39.30 -1.61 -30.67
CAJ XA7 M . -40.90 -1.17 -30.43
CAJ XA7 M . -39.73 -1.03 -29.34
CAI XA7 M . -40.88 -1.81 -29.06
CAI XA7 M . -41.08 -0.35 -29.45
CAH XA7 M . -41.44 -0.85 -28.02
CAH XA7 M . -42.18 -1.31 -29.02
CAG XA7 M . -42.93 -1.03 -27.82
CAG XA7 M . -42.67 -1.01 -27.62
CAF XA7 M . -37.71 0.35 -32.70
CAF XA7 M . -37.60 -2.79 -32.42
CAA XA7 M . -38.27 0.57 -34.10
CAA XA7 M . -36.20 -3.06 -31.90
CAB XA7 M . -39.63 1.27 -34.06
CAB XA7 M . -36.25 -3.73 -30.53
CAC XA7 M . -39.69 2.41 -35.09
CAC XA7 M . -35.13 -4.75 -30.37
CAD XA7 M . -41.03 3.11 -35.03
CAD XA7 M . -35.14 -5.32 -28.96
CAE XA7 M . -41.24 3.99 -36.25
CAE XA7 M . -34.07 -6.37 -28.75
P PO4 N . -10.62 8.23 -30.88
O1 PO4 N . -9.49 8.84 -31.71
O2 PO4 N . -10.91 6.84 -31.41
O3 PO4 N . -11.90 9.06 -31.10
O4 PO4 N . -10.12 8.13 -29.42
C1 F09 O . -38.63 -21.70 -27.97
C2 F09 O . -38.50 -20.24 -27.53
C3 F09 O . -37.44 -19.48 -28.34
C4 F09 O . -37.55 -17.95 -28.25
C5 F09 O . -38.02 -17.38 -26.90
C6 F09 O . -37.80 -15.87 -26.80
C7 F09 O . -37.13 -15.42 -25.49
C1 F09 P . -43.56 -26.59 -32.24
C2 F09 P . -42.79 -27.62 -31.39
C3 F09 P . -41.69 -27.00 -30.52
C4 F09 P . -42.23 -26.30 -29.28
C5 F09 P . -41.16 -26.06 -28.21
C6 F09 P . -40.21 -24.91 -28.56
C7 F09 P . -40.68 -23.59 -27.93
C1 F09 Q . -31.77 -11.06 -20.25
C2 F09 Q . -31.68 -10.03 -21.39
C3 F09 Q . -32.60 -10.30 -22.59
C4 F09 Q . -32.87 -9.04 -23.42
#